data_2WCI
#
_entry.id   2WCI
#
_cell.length_a   94.300
_cell.length_b   94.300
_cell.length_c   62.660
_cell.angle_alpha   90.00
_cell.angle_beta   90.00
_cell.angle_gamma   90.00
#
_symmetry.space_group_name_H-M   'P 43 21 2'
#
loop_
_entity.id
_entity.type
_entity.pdbx_description
1 polymer GLUTAREDOXIN-4
2 non-polymer 'FE2/S2 (INORGANIC) CLUSTER'
3 non-polymer GLUTATHIONE
4 non-polymer 'SODIUM ION'
5 water water
#
_entity_poly.entity_id   1
_entity_poly.type   'polypeptide(L)'
_entity_poly.pdbx_seq_one_letter_code
;MGSSHHHHHHSSGLVPRGSHMSTTIEKIQRQIAENPILLYMKGSPKLPSCGFSAQAVQALAACGERFAYVDILQNPDIRA
ELPKYANWPTFPQLWVDGELVGGCDIVIEMYQRGELQQLIKETAAKYKSEEPDAE
;
_entity_poly.pdbx_strand_id   A,B
#
loop_
_chem_comp.id
_chem_comp.type
_chem_comp.name
_chem_comp.formula
FES non-polymer 'FE2/S2 (INORGANIC) CLUSTER' 'Fe2 S2'
GSH non-polymer GLUTATHIONE 'C10 H17 N3 O6 S'
NA non-polymer 'SODIUM ION' 'Na 1'
#
# COMPACT_ATOMS: atom_id res chain seq x y z
N MET A 21 -25.72 12.52 -1.31
CA MET A 21 -24.78 13.22 -0.37
C MET A 21 -24.40 12.53 0.92
N SER A 22 -23.13 12.65 1.27
CA SER A 22 -22.65 12.30 2.58
C SER A 22 -21.72 13.42 2.96
N THR A 23 -21.37 13.56 4.23
CA THR A 23 -20.38 14.58 4.60
C THR A 23 -19.02 14.30 3.97
N THR A 24 -18.69 13.04 3.76
CA THR A 24 -17.41 12.77 3.07
C THR A 24 -17.41 13.12 1.58
N ILE A 25 -18.53 12.92 0.89
CA ILE A 25 -18.60 13.40 -0.49
C ILE A 25 -18.46 14.91 -0.47
N GLU A 26 -19.15 15.58 0.47
CA GLU A 26 -18.98 17.03 0.57
C GLU A 26 -17.52 17.41 0.76
N LYS A 27 -16.81 16.69 1.63
CA LYS A 27 -15.40 16.99 1.86
C LYS A 27 -14.56 16.83 0.61
N ILE A 28 -14.71 15.72 -0.09
CA ILE A 28 -14.02 15.46 -1.38
C ILE A 28 -14.33 16.56 -2.41
N GLN A 29 -15.58 16.96 -2.48
CA GLN A 29 -15.96 17.99 -3.44
C GLN A 29 -15.22 19.29 -3.15
N ARG A 30 -15.07 19.63 -1.88
CA ARG A 30 -14.34 20.83 -1.52
C ARG A 30 -12.88 20.70 -1.96
N GLN A 31 -12.29 19.55 -1.70
CA GLN A 31 -10.86 19.33 -1.97
C GLN A 31 -10.62 19.54 -3.45
N ILE A 32 -11.47 18.93 -4.25
CA ILE A 32 -11.34 18.97 -5.69
C ILE A 32 -11.63 20.37 -6.23
N ALA A 33 -12.60 21.06 -5.63
CA ALA A 33 -12.96 22.42 -6.11
C ALA A 33 -11.91 23.44 -5.69
N GLU A 34 -11.27 23.21 -4.55
CA GLU A 34 -10.31 24.15 -3.98
C GLU A 34 -8.85 23.94 -4.43
N ASN A 35 -8.55 22.77 -5.00
CA ASN A 35 -7.16 22.43 -5.35
C ASN A 35 -7.08 22.04 -6.82
N PRO A 36 -6.63 22.97 -7.68
CA PRO A 36 -6.72 22.74 -9.12
C PRO A 36 -5.84 21.60 -9.63
N ILE A 37 -4.85 21.23 -8.82
CA ILE A 37 -3.97 20.08 -9.13
C ILE A 37 -3.86 19.26 -7.85
N LEU A 38 -4.48 18.08 -7.86
CA LEU A 38 -4.71 17.31 -6.64
C LEU A 38 -4.49 15.83 -6.90
N LEU A 39 -3.62 15.21 -6.11
CA LEU A 39 -3.33 13.81 -6.32
C LEU A 39 -3.78 13.05 -5.06
N TYR A 40 -4.76 12.15 -5.18
CA TYR A 40 -5.08 11.22 -4.10
C TYR A 40 -4.14 10.03 -4.26
N MET A 41 -3.42 9.66 -3.22
CA MET A 41 -2.41 8.64 -3.39
C MET A 41 -2.26 7.80 -2.09
N LYS A 42 -1.49 6.73 -2.16
CA LYS A 42 -1.18 5.93 -0.98
C LYS A 42 0.18 6.41 -0.47
N GLY A 43 0.19 6.91 0.77
CA GLY A 43 1.38 7.53 1.32
C GLY A 43 1.45 9.00 0.98
N SER A 44 2.64 9.60 1.09
CA SER A 44 2.85 11.02 0.76
C SER A 44 3.88 11.15 -0.34
N PRO A 45 3.97 12.33 -0.97
CA PRO A 45 4.94 12.49 -2.05
C PRO A 45 6.37 12.15 -1.64
N LYS A 46 6.73 12.47 -0.41
CA LYS A 46 8.07 12.17 0.07
C LYS A 46 8.26 10.69 0.48
N LEU A 47 7.16 10.03 0.85
CA LEU A 47 7.20 8.62 1.28
C LEU A 47 5.98 7.87 0.72
N PRO A 48 5.99 7.55 -0.56
CA PRO A 48 4.84 6.86 -1.15
C PRO A 48 4.79 5.42 -0.61
N SER A 49 3.59 4.83 -0.56
CA SER A 49 3.38 3.51 0.06
C SER A 49 3.11 2.42 -0.96
N CYS A 50 3.21 2.78 -2.25
CA CYS A 50 2.84 1.90 -3.35
C CYS A 50 3.50 2.41 -4.61
N GLY A 51 4.06 1.51 -5.41
CA GLY A 51 4.71 1.91 -6.67
C GLY A 51 3.80 2.69 -7.62
N PHE A 52 2.51 2.36 -7.67
CA PHE A 52 1.61 3.11 -8.55
C PHE A 52 1.53 4.58 -8.14
N SER A 53 1.45 4.83 -6.82
CA SER A 53 1.42 6.17 -6.27
C SER A 53 2.78 6.86 -6.43
N ALA A 54 3.87 6.12 -6.19
CA ALA A 54 5.25 6.68 -6.40
C ALA A 54 5.45 7.14 -7.86
N GLN A 55 5.11 6.29 -8.82
CA GLN A 55 5.24 6.63 -10.25
C GLN A 55 4.45 7.87 -10.64
N ALA A 56 3.18 7.91 -10.21
CA ALA A 56 2.33 9.03 -10.52
C ALA A 56 2.87 10.34 -9.89
N VAL A 57 3.32 10.27 -8.64
CA VAL A 57 3.75 11.46 -7.97
C VAL A 57 5.05 11.98 -8.58
N GLN A 58 5.93 11.07 -9.05
CA GLN A 58 7.21 11.43 -9.69
C GLN A 58 6.95 12.21 -10.98
N ALA A 59 6.11 11.64 -11.83
CA ALA A 59 5.71 12.29 -13.10
C ALA A 59 5.01 13.64 -12.86
N LEU A 60 4.12 13.69 -11.87
CA LEU A 60 3.39 14.94 -11.61
C LEU A 60 4.37 16.02 -11.12
N ALA A 61 5.16 15.64 -10.12
CA ALA A 61 6.10 16.56 -9.52
C ALA A 61 7.11 17.07 -10.55
N ALA A 62 7.54 16.21 -11.45
CA ALA A 62 8.51 16.61 -12.49
C ALA A 62 7.96 17.73 -13.39
N CYS A 63 6.65 17.96 -13.37
CA CYS A 63 6.06 19.03 -14.19
C CYS A 63 6.42 20.42 -13.63
N GLY A 64 6.84 20.43 -12.37
CA GLY A 64 7.45 21.61 -11.74
C GLY A 64 6.48 22.67 -11.23
N GLU A 65 5.23 22.29 -10.98
CA GLU A 65 4.21 23.21 -10.44
C GLU A 65 3.67 22.70 -9.08
N ARG A 66 3.13 23.62 -8.28
CA ARG A 66 2.63 23.26 -6.98
C ARG A 66 1.52 22.27 -7.17
N PHE A 67 1.48 21.22 -6.34
CA PHE A 67 0.34 20.29 -6.36
C PHE A 67 -0.01 19.97 -4.92
N ALA A 68 -1.28 19.65 -4.69
CA ALA A 68 -1.73 19.19 -3.38
C ALA A 68 -1.91 17.64 -3.42
N TYR A 69 -1.78 16.99 -2.26
CA TYR A 69 -2.00 15.51 -2.21
C TYR A 69 -2.91 15.18 -1.03
N VAL A 70 -3.57 14.03 -1.11
CA VAL A 70 -4.27 13.45 0.02
C VAL A 70 -3.78 12.02 0.14
N ASP A 71 -3.32 11.65 1.31
CA ASP A 71 -2.91 10.26 1.55
C ASP A 71 -4.13 9.47 2.00
N ILE A 72 -4.69 8.69 1.10
CA ILE A 72 -5.94 8.00 1.43
C ILE A 72 -5.70 6.90 2.47
N LEU A 73 -4.44 6.59 2.77
CA LEU A 73 -4.19 5.60 3.82
C LEU A 73 -4.30 6.25 5.21
N GLN A 74 -4.45 7.56 5.23
CA GLN A 74 -4.71 8.26 6.50
C GLN A 74 -6.11 8.84 6.52
N ASN A 75 -6.92 8.47 5.54
CA ASN A 75 -8.24 9.06 5.41
C ASN A 75 -9.19 7.98 5.00
N PRO A 76 -9.56 7.11 5.95
CA PRO A 76 -10.37 5.94 5.61
C PRO A 76 -11.70 6.28 4.96
N ASP A 77 -12.29 7.42 5.32
CA ASP A 77 -13.57 7.85 4.74
C ASP A 77 -13.40 8.11 3.25
N ILE A 78 -12.33 8.81 2.90
CA ILE A 78 -12.04 9.04 1.48
C ILE A 78 -11.69 7.76 0.72
N ARG A 79 -10.86 6.91 1.31
CA ARG A 79 -10.56 5.65 0.68
C ARG A 79 -11.82 4.83 0.30
N ALA A 80 -12.79 4.86 1.22
CA ALA A 80 -14.07 4.12 1.07
C ALA A 80 -14.99 4.72 0.03
N GLU A 81 -15.10 6.05 0.05
CA GLU A 81 -16.10 6.79 -0.74
C GLU A 81 -15.65 7.35 -2.09
N LEU A 82 -14.36 7.66 -2.21
CA LEU A 82 -13.91 8.32 -3.46
C LEU A 82 -14.07 7.50 -4.75
N PRO A 83 -13.81 6.19 -4.69
CA PRO A 83 -13.87 5.38 -5.89
C PRO A 83 -15.26 5.46 -6.57
N LYS A 84 -16.32 5.33 -5.78
CA LYS A 84 -17.67 5.48 -6.32
C LYS A 84 -17.94 6.89 -6.82
N TYR A 85 -17.52 7.89 -6.08
CA TYR A 85 -17.72 9.28 -6.52
C TYR A 85 -16.98 9.57 -7.85
N ALA A 86 -15.76 9.06 -7.94
CA ALA A 86 -14.88 9.27 -9.09
C ALA A 86 -15.22 8.40 -10.28
N ASN A 87 -16.06 7.39 -10.05
CA ASN A 87 -16.23 6.36 -11.07
C ASN A 87 -14.89 5.75 -11.51
N TRP A 88 -14.07 5.43 -10.52
CA TRP A 88 -12.66 5.04 -10.71
C TRP A 88 -12.22 4.27 -9.47
N PRO A 89 -12.01 2.95 -9.63
CA PRO A 89 -11.91 2.07 -8.50
C PRO A 89 -10.64 2.23 -7.67
N THR A 90 -9.64 2.93 -8.18
CA THR A 90 -8.28 2.74 -7.68
C THR A 90 -7.59 4.05 -7.34
N PHE A 91 -6.46 3.93 -6.61
CA PHE A 91 -5.52 5.00 -6.37
C PHE A 91 -4.17 4.64 -7.02
N PRO A 92 -3.41 5.65 -7.51
CA PRO A 92 -3.68 7.07 -7.30
C PRO A 92 -4.76 7.65 -8.24
N GLN A 93 -5.25 8.83 -7.89
CA GLN A 93 -6.12 9.62 -8.81
C GLN A 93 -5.61 11.03 -8.92
N LEU A 94 -5.34 11.46 -10.14
CA LEU A 94 -4.98 12.87 -10.38
C LEU A 94 -6.21 13.61 -10.89
N TRP A 95 -6.59 14.66 -10.17
CA TRP A 95 -7.67 15.54 -10.55
C TRP A 95 -7.07 16.90 -10.92
N VAL A 96 -7.45 17.41 -12.07
CA VAL A 96 -6.93 18.68 -12.55
C VAL A 96 -8.10 19.56 -12.92
N ASP A 97 -8.20 20.70 -12.26
CA ASP A 97 -9.29 21.66 -12.53
C ASP A 97 -10.69 21.02 -12.44
N GLY A 98 -10.89 20.19 -11.41
CA GLY A 98 -12.18 19.53 -11.19
C GLY A 98 -12.47 18.28 -12.02
N GLU A 99 -11.54 17.88 -12.89
CA GLU A 99 -11.74 16.70 -13.72
C GLU A 99 -10.75 15.58 -13.34
N LEU A 100 -11.22 14.33 -13.32
CA LEU A 100 -10.34 13.19 -13.07
C LEU A 100 -9.58 12.91 -14.32
N VAL A 101 -8.25 13.07 -14.24
CA VAL A 101 -7.39 12.70 -15.35
C VAL A 101 -7.24 11.21 -15.48
N GLY A 102 -6.95 10.55 -14.36
CA GLY A 102 -6.86 9.09 -14.34
C GLY A 102 -5.87 8.66 -13.27
N GLY A 103 -5.29 7.48 -13.44
CA GLY A 103 -4.43 6.92 -12.40
C GLY A 103 -2.98 6.90 -12.85
N CYS A 104 -2.21 5.92 -12.36
CA CYS A 104 -0.78 5.82 -12.67
C CYS A 104 -0.47 5.66 -14.16
N ASP A 105 -1.09 4.67 -14.79
CA ASP A 105 -0.82 4.41 -16.20
C ASP A 105 -1.06 5.63 -17.09
N ILE A 106 -2.20 6.26 -16.90
CA ILE A 106 -2.55 7.47 -17.68
C ILE A 106 -1.57 8.61 -17.44
N VAL A 107 -1.32 8.93 -16.19
CA VAL A 107 -0.42 10.01 -15.84
C VAL A 107 0.99 9.77 -16.45
N ILE A 108 1.52 8.57 -16.32
CA ILE A 108 2.87 8.39 -16.87
C ILE A 108 2.86 8.40 -18.44
N GLU A 109 1.85 7.82 -19.05
CA GLU A 109 1.84 7.92 -20.49
C GLU A 109 1.84 9.42 -20.89
N MET A 110 0.93 10.19 -20.29
CA MET A 110 0.85 11.63 -20.61
C MET A 110 2.19 12.33 -20.41
N TYR A 111 2.93 11.97 -19.35
CA TYR A 111 4.23 12.58 -19.12
C TYR A 111 5.16 12.17 -20.26
N GLN A 112 5.13 10.89 -20.60
CA GLN A 112 5.98 10.40 -21.69
C GLN A 112 5.75 11.17 -23.01
N ARG A 113 4.50 11.49 -23.31
CA ARG A 113 4.15 12.23 -24.55
C ARG A 113 4.33 13.75 -24.41
N GLY A 114 4.60 14.24 -23.20
CA GLY A 114 4.69 15.69 -22.99
C GLY A 114 3.35 16.38 -22.72
N GLU A 115 2.27 15.60 -22.68
CA GLU A 115 0.96 16.22 -22.53
C GLU A 115 0.66 16.61 -21.07
N LEU A 116 1.16 15.82 -20.12
CA LEU A 116 0.96 16.14 -18.73
C LEU A 116 1.60 17.49 -18.43
N GLN A 117 2.83 17.67 -18.92
CA GLN A 117 3.52 18.94 -18.72
C GLN A 117 2.70 20.16 -19.17
N GLN A 118 2.04 20.04 -20.32
CA GLN A 118 1.21 21.13 -20.88
C GLN A 118 -0.06 21.35 -20.10
N LEU A 119 -0.79 20.28 -19.80
CA LEU A 119 -1.98 20.42 -18.93
C LEU A 119 -1.66 21.09 -17.61
N ILE A 120 -0.59 20.65 -16.95
CA ILE A 120 -0.26 21.17 -15.64
C ILE A 120 0.25 22.62 -15.72
N LYS A 121 1.10 22.87 -16.71
CA LYS A 121 1.58 24.24 -16.91
C LYS A 121 0.41 25.22 -17.13
N GLU A 122 -0.52 24.86 -18.01
CA GLU A 122 -1.67 25.76 -18.32
C GLU A 122 -2.60 25.90 -17.12
N THR A 123 -2.83 24.81 -16.40
CA THR A 123 -3.62 24.89 -15.16
C THR A 123 -3.02 25.83 -14.11
N ALA A 124 -1.72 25.69 -13.81
CA ALA A 124 -1.09 26.57 -12.84
C ALA A 124 -1.20 28.04 -13.33
N ALA A 125 -1.06 28.24 -14.63
CA ALA A 125 -1.13 29.61 -15.19
C ALA A 125 -2.54 30.21 -15.04
N LYS A 126 -3.57 29.39 -15.23
CA LYS A 126 -4.96 29.85 -15.10
C LYS A 126 -5.30 30.31 -13.69
N TYR A 127 -4.66 29.71 -12.68
CA TYR A 127 -4.99 29.98 -11.28
C TYR A 127 -3.95 30.85 -10.58
N LYS A 128 -2.95 31.30 -11.31
CA LYS A 128 -1.87 32.10 -10.73
C LYS A 128 -2.38 33.50 -10.39
N SER A 129 -2.05 33.98 -9.21
CA SER A 129 -2.40 35.34 -8.84
C SER A 129 -1.15 36.04 -8.32
N GLU A 130 -0.86 35.86 -7.03
CA GLU A 130 0.39 36.40 -6.47
C GLU A 130 1.59 35.60 -6.96
N GLU A 131 2.74 36.29 -6.98
CA GLU A 131 3.95 35.78 -7.54
C GLU A 131 5.02 36.02 -6.49
N PRO A 132 6.01 35.10 -6.39
CA PRO A 132 7.10 35.37 -5.45
C PRO A 132 7.99 36.47 -6.04
N ASP A 133 8.61 37.27 -5.19
CA ASP A 133 9.55 38.27 -5.68
C ASP A 133 9.99 39.27 -4.63
N THR B 23 22.42 -5.38 10.08
CA THR B 23 21.72 -4.57 11.11
C THR B 23 20.21 -4.46 10.89
N THR B 24 19.79 -3.94 9.74
CA THR B 24 18.39 -4.11 9.36
C THR B 24 18.25 -5.60 9.05
N ILE B 25 19.22 -6.16 8.35
CA ILE B 25 19.24 -7.59 8.08
C ILE B 25 19.32 -8.42 9.35
N GLU B 26 20.06 -7.94 10.37
CA GLU B 26 20.13 -8.68 11.65
C GLU B 26 18.75 -8.67 12.31
N LYS B 27 18.13 -7.50 12.33
CA LYS B 27 16.78 -7.37 12.85
C LYS B 27 15.81 -8.34 12.13
N ILE B 28 15.88 -8.37 10.81
CA ILE B 28 15.06 -9.28 10.02
C ILE B 28 15.37 -10.73 10.37
N GLN B 29 16.66 -11.05 10.46
CA GLN B 29 17.03 -12.42 10.81
C GLN B 29 16.43 -12.86 12.14
N ARG B 30 16.51 -12.02 13.15
CA ARG B 30 15.92 -12.34 14.45
C ARG B 30 14.43 -12.55 14.33
N GLN B 31 13.75 -11.60 13.68
CA GLN B 31 12.30 -11.69 13.49
C GLN B 31 11.92 -13.06 12.95
N ILE B 32 12.58 -13.49 11.90
CA ILE B 32 12.24 -14.72 11.26
C ILE B 32 12.57 -15.88 12.22
N ALA B 33 13.62 -15.68 13.02
CA ALA B 33 14.10 -16.72 13.92
C ALA B 33 13.19 -16.87 15.13
N GLU B 34 12.64 -15.75 15.57
CA GLU B 34 11.91 -15.73 16.83
C GLU B 34 10.40 -15.85 16.71
N ASN B 35 9.87 -15.84 15.48
CA ASN B 35 8.44 -15.90 15.27
C ASN B 35 8.14 -17.01 14.27
N PRO B 36 7.57 -18.14 14.76
CA PRO B 36 7.39 -19.28 13.85
C PRO B 36 6.36 -19.05 12.76
N ILE B 37 5.43 -18.14 12.99
CA ILE B 37 4.46 -17.73 11.97
C ILE B 37 4.48 -16.21 11.90
N LEU B 38 4.98 -15.69 10.79
CA LEU B 38 5.32 -14.28 10.67
C LEU B 38 4.88 -13.73 9.31
N LEU B 39 4.07 -12.67 9.32
CA LEU B 39 3.54 -12.08 8.07
C LEU B 39 4.03 -10.64 7.91
N TYR B 40 4.89 -10.39 6.91
CA TYR B 40 5.27 -8.99 6.55
C TYR B 40 4.16 -8.48 5.64
N MET B 41 3.59 -7.34 5.96
CA MET B 41 2.41 -6.89 5.21
C MET B 41 2.36 -5.37 5.19
N LYS B 42 1.47 -4.83 4.37
CA LYS B 42 1.21 -3.39 4.33
C LYS B 42 -0.01 -3.07 5.19
N GLY B 43 0.18 -2.25 6.20
CA GLY B 43 -0.82 -1.99 7.23
C GLY B 43 -0.80 -3.05 8.34
N SER B 44 -1.92 -3.21 9.05
CA SER B 44 -1.99 -4.23 10.12
C SER B 44 -3.19 -5.11 9.84
N PRO B 45 -3.31 -6.24 10.58
CA PRO B 45 -4.40 -7.16 10.30
C PRO B 45 -5.78 -6.52 10.38
N LYS B 46 -5.98 -5.62 11.33
CA LYS B 46 -7.29 -4.92 11.47
C LYS B 46 -7.48 -3.82 10.40
N LEU B 47 -6.36 -3.32 9.89
CA LEU B 47 -6.35 -2.16 9.00
C LEU B 47 -5.28 -2.33 7.92
N PRO B 48 -5.52 -3.22 6.95
CA PRO B 48 -4.61 -3.43 5.83
C PRO B 48 -4.57 -2.16 4.93
N SER B 49 -3.41 -1.89 4.36
CA SER B 49 -3.24 -0.77 3.41
C SER B 49 -3.22 -1.22 1.96
N CYS B 50 -3.39 -2.54 1.73
CA CYS B 50 -3.36 -3.12 0.38
C CYS B 50 -4.20 -4.38 0.40
N GLY B 51 -4.99 -4.59 -0.65
CA GLY B 51 -5.85 -5.79 -0.73
C GLY B 51 -5.09 -7.10 -0.75
N PHE B 52 -3.87 -7.11 -1.28
CA PHE B 52 -3.04 -8.32 -1.30
C PHE B 52 -2.70 -8.71 0.13
N SER B 53 -2.42 -7.71 0.97
CA SER B 53 -2.07 -7.91 2.37
C SER B 53 -3.35 -8.28 3.13
N ALA B 54 -4.47 -7.65 2.77
CA ALA B 54 -5.76 -7.99 3.38
C ALA B 54 -6.11 -9.46 3.14
N GLN B 55 -6.00 -9.91 1.89
CA GLN B 55 -6.33 -11.29 1.58
C GLN B 55 -5.42 -12.27 2.34
N ALA B 56 -4.13 -11.96 2.41
CA ALA B 56 -3.21 -12.92 3.04
C ALA B 56 -3.51 -13.03 4.51
N VAL B 57 -3.78 -11.90 5.16
CA VAL B 57 -4.02 -11.96 6.61
C VAL B 57 -5.32 -12.66 6.92
N GLN B 58 -6.32 -12.49 6.06
CA GLN B 58 -7.59 -13.15 6.26
C GLN B 58 -7.50 -14.67 6.13
N ALA B 59 -6.72 -15.17 5.18
CA ALA B 59 -6.50 -16.63 5.05
C ALA B 59 -5.71 -17.15 6.27
N LEU B 60 -4.72 -16.39 6.67
CA LEU B 60 -3.87 -16.83 7.75
C LEU B 60 -4.69 -16.88 9.03
N ALA B 61 -5.49 -15.83 9.26
CA ALA B 61 -6.25 -15.73 10.50
C ALA B 61 -7.24 -16.87 10.63
N ALA B 62 -7.77 -17.27 9.48
CA ALA B 62 -8.72 -18.38 9.36
C ALA B 62 -8.14 -19.72 9.79
N CYS B 63 -6.82 -19.81 9.96
CA CYS B 63 -6.18 -21.08 10.29
C CYS B 63 -6.22 -21.36 11.77
N GLY B 64 -6.71 -20.37 12.54
CA GLY B 64 -6.97 -20.54 13.97
C GLY B 64 -5.80 -20.42 14.93
N GLU B 65 -4.62 -20.03 14.45
CA GLU B 65 -3.43 -19.98 15.31
C GLU B 65 -2.88 -18.54 15.48
N ARG B 66 -2.24 -18.26 16.60
CA ARG B 66 -1.68 -16.95 16.80
C ARG B 66 -0.61 -16.73 15.75
N PHE B 67 -0.37 -15.47 15.40
CA PHE B 67 0.75 -15.18 14.51
C PHE B 67 1.31 -13.77 14.77
N ALA B 68 2.48 -13.51 14.21
CA ALA B 68 3.08 -12.21 14.35
C ALA B 68 3.03 -11.50 12.97
N TYR B 69 2.99 -10.17 12.97
CA TYR B 69 3.07 -9.43 11.68
C TYR B 69 4.05 -8.26 11.85
N VAL B 70 4.59 -7.79 10.72
CA VAL B 70 5.34 -6.55 10.72
C VAL B 70 4.67 -5.71 9.63
N ASP B 71 4.25 -4.50 9.98
CA ASP B 71 3.76 -3.53 9.01
C ASP B 71 4.95 -2.85 8.34
N ILE B 72 5.24 -3.25 7.10
CA ILE B 72 6.44 -2.73 6.43
C ILE B 72 6.28 -1.27 6.00
N LEU B 73 5.06 -0.75 6.09
CA LEU B 73 4.90 0.67 5.82
C LEU B 73 5.32 1.52 7.00
N GLN B 74 5.46 0.90 8.17
CA GLN B 74 5.99 1.61 9.36
C GLN B 74 7.45 1.28 9.60
N ASN B 75 8.01 0.44 8.73
CA ASN B 75 9.39 0.00 8.83
C ASN B 75 10.06 0.09 7.47
N PRO B 76 10.34 1.33 7.00
CA PRO B 76 10.88 1.58 5.67
C PRO B 76 12.15 0.82 5.38
N ASP B 77 12.95 0.54 6.40
CA ASP B 77 14.21 -0.18 6.22
C ASP B 77 13.94 -1.62 5.80
N ILE B 78 12.94 -2.22 6.45
CA ILE B 78 12.53 -3.61 6.12
C ILE B 78 11.90 -3.65 4.74
N ARG B 79 11.05 -2.68 4.44
CA ARG B 79 10.48 -2.65 3.12
C ARG B 79 11.58 -2.67 2.08
N ALA B 80 12.63 -1.92 2.34
CA ALA B 80 13.72 -1.75 1.36
C ALA B 80 14.64 -2.99 1.26
N GLU B 81 14.93 -3.59 2.41
CA GLU B 81 15.92 -4.67 2.49
C GLU B 81 15.43 -6.09 2.38
N LEU B 82 14.20 -6.36 2.83
CA LEU B 82 13.69 -7.71 2.85
C LEU B 82 13.62 -8.37 1.46
N PRO B 83 13.16 -7.63 0.43
CA PRO B 83 13.11 -8.22 -0.90
C PRO B 83 14.40 -8.91 -1.34
N LYS B 84 15.54 -8.26 -1.22
CA LYS B 84 16.80 -8.90 -1.63
C LYS B 84 17.21 -10.02 -0.64
N TYR B 85 16.93 -9.85 0.63
CA TYR B 85 17.22 -10.91 1.60
C TYR B 85 16.38 -12.18 1.35
N ALA B 86 15.10 -11.97 1.05
CA ALA B 86 14.12 -13.02 0.84
C ALA B 86 14.27 -13.64 -0.54
N ASN B 87 14.97 -12.95 -1.43
CA ASN B 87 14.82 -13.22 -2.87
C ASN B 87 13.35 -13.33 -3.24
N TRP B 88 12.57 -12.32 -2.86
CA TRP B 88 11.16 -12.30 -3.22
C TRP B 88 10.78 -10.84 -3.20
N PRO B 89 10.32 -10.31 -4.34
CA PRO B 89 10.33 -8.88 -4.46
C PRO B 89 9.20 -8.10 -3.76
N THR B 90 8.16 -8.80 -3.27
CA THR B 90 6.90 -8.11 -2.96
C THR B 90 6.36 -8.44 -1.58
N PHE B 91 5.32 -7.72 -1.17
CA PHE B 91 4.59 -7.95 0.07
C PHE B 91 3.12 -8.19 -0.27
N PRO B 92 2.43 -9.03 0.50
CA PRO B 92 2.90 -9.62 1.74
C PRO B 92 3.88 -10.78 1.58
N GLN B 93 4.57 -11.13 2.67
CA GLN B 93 5.34 -12.39 2.64
C GLN B 93 5.05 -13.14 3.92
N LEU B 94 4.68 -14.41 3.78
CA LEU B 94 4.45 -15.29 4.92
C LEU B 94 5.70 -16.15 5.17
N TRP B 95 6.21 -16.09 6.40
CA TRP B 95 7.36 -16.87 6.77
C TRP B 95 6.90 -17.80 7.88
N VAL B 96 7.26 -19.08 7.72
CA VAL B 96 6.85 -20.11 8.67
C VAL B 96 8.06 -20.95 9.00
N ASP B 97 8.38 -21.00 10.30
CA ASP B 97 9.48 -21.84 10.81
C ASP B 97 10.75 -21.53 10.09
N GLY B 98 10.99 -20.24 9.88
CA GLY B 98 12.24 -19.80 9.29
C GLY B 98 12.36 -19.89 7.79
N GLU B 99 11.29 -20.26 7.11
CA GLU B 99 11.29 -20.31 5.65
C GLU B 99 10.19 -19.49 5.01
N LEU B 100 10.50 -18.94 3.83
CA LEU B 100 9.50 -18.17 3.06
C LEU B 100 8.48 -19.09 2.42
N VAL B 101 7.20 -18.90 2.76
CA VAL B 101 6.14 -19.69 2.17
C VAL B 101 5.78 -19.04 0.86
N GLY B 102 5.64 -17.72 0.84
CA GLY B 102 5.26 -17.10 -0.43
C GLY B 102 4.43 -15.86 -0.17
N GLY B 103 3.80 -15.36 -1.23
CA GLY B 103 3.04 -14.12 -1.14
C GLY B 103 1.52 -14.39 -1.07
N CYS B 104 0.73 -13.39 -1.44
CA CYS B 104 -0.72 -13.48 -1.35
C CYS B 104 -1.26 -14.68 -2.16
N ASP B 105 -0.87 -14.77 -3.44
CA ASP B 105 -1.40 -15.81 -4.31
C ASP B 105 -1.05 -17.22 -3.83
N ILE B 106 0.17 -17.39 -3.30
CA ILE B 106 0.55 -18.69 -2.75
C ILE B 106 -0.27 -19.03 -1.51
N VAL B 107 -0.39 -18.07 -0.60
CA VAL B 107 -1.11 -18.31 0.65
C VAL B 107 -2.59 -18.60 0.43
N ILE B 108 -3.23 -17.84 -0.45
CA ILE B 108 -4.67 -18.09 -0.62
C ILE B 108 -4.94 -19.44 -1.34
N GLU B 109 -4.08 -19.84 -2.28
CA GLU B 109 -4.24 -21.17 -2.94
C GLU B 109 -4.00 -22.30 -1.92
N MET B 110 -2.99 -22.13 -1.07
CA MET B 110 -2.71 -23.15 -0.06
C MET B 110 -3.93 -23.29 0.86
N TYR B 111 -4.57 -22.17 1.18
CA TYR B 111 -5.74 -22.21 2.09
C TYR B 111 -6.87 -22.96 1.39
N GLN B 112 -7.08 -22.67 0.13
CA GLN B 112 -8.09 -23.34 -0.64
C GLN B 112 -7.91 -24.83 -0.71
N ARG B 113 -6.68 -25.27 -0.89
CA ARG B 113 -6.33 -26.67 -0.92
C ARG B 113 -6.22 -27.33 0.44
N GLY B 114 -6.31 -26.57 1.51
CA GLY B 114 -6.27 -27.10 2.88
C GLY B 114 -4.84 -27.30 3.39
N GLU B 115 -3.87 -26.89 2.60
CA GLU B 115 -2.46 -27.09 2.92
C GLU B 115 -1.99 -26.08 3.97
N LEU B 116 -2.57 -24.90 3.96
CA LEU B 116 -2.07 -23.84 4.82
C LEU B 116 -2.49 -24.17 6.24
N GLN B 117 -3.73 -24.68 6.36
CA GLN B 117 -4.29 -25.08 7.62
C GLN B 117 -3.41 -26.10 8.31
N GLN B 118 -2.98 -27.09 7.54
CA GLN B 118 -2.11 -28.16 7.99
C GLN B 118 -0.75 -27.61 8.47
N LEU B 119 -0.15 -26.75 7.65
CA LEU B 119 1.18 -26.21 7.95
C LEU B 119 1.10 -25.36 9.21
N ILE B 120 0.05 -24.57 9.30
CA ILE B 120 -0.09 -23.67 10.43
C ILE B 120 -0.41 -24.48 11.70
N LYS B 121 -1.31 -25.45 11.61
CA LYS B 121 -1.56 -26.32 12.80
C LYS B 121 -0.28 -26.99 13.22
N GLU B 122 0.39 -27.62 12.27
CA GLU B 122 1.62 -28.35 12.57
C GLU B 122 2.62 -27.44 13.26
N THR B 123 2.83 -26.24 12.73
CA THR B 123 3.81 -25.32 13.28
C THR B 123 3.47 -24.90 14.69
N ALA B 124 2.22 -24.50 14.90
CA ALA B 124 1.85 -24.04 16.25
C ALA B 124 1.98 -25.18 17.29
N ALA B 125 1.55 -26.39 16.93
CA ALA B 125 1.62 -27.51 17.88
C ALA B 125 3.05 -27.93 18.19
N LYS B 126 3.91 -27.95 17.17
CA LYS B 126 5.31 -28.31 17.34
C LYS B 126 5.96 -27.30 18.25
N TYR B 127 5.63 -26.01 18.05
CA TYR B 127 6.25 -25.00 18.90
C TYR B 127 5.75 -24.97 20.34
N LYS B 128 4.52 -25.38 20.58
CA LYS B 128 3.98 -25.44 21.93
C LYS B 128 4.36 -26.72 22.70
N SER B 129 4.76 -27.75 21.96
CA SER B 129 5.02 -29.07 22.57
C SER B 129 6.09 -29.03 23.68
N GLU B 130 5.83 -29.72 24.79
CA GLU B 130 6.75 -29.72 25.93
C GLU B 130 7.08 -31.16 26.33
N GLU B 131 8.19 -31.35 27.07
CA GLU B 131 8.52 -32.61 27.70
C GLU B 131 7.60 -32.87 28.88
N PRO B 132 7.35 -34.15 29.24
CA PRO B 132 6.50 -34.46 30.40
C PRO B 132 7.03 -33.75 31.64
N ASP B 133 6.14 -33.43 32.57
CA ASP B 133 6.63 -32.87 33.82
C ASP B 133 7.26 -34.01 34.63
N ALA B 134 8.13 -33.65 35.57
CA ALA B 134 8.73 -34.66 36.47
C ALA B 134 9.48 -34.01 37.61
FE1 FES C . -0.79 -0.58 -4.22
FE2 FES C . -0.34 -2.95 -2.86
S1 FES C . -0.75 -2.68 -5.06
S2 FES C . -0.36 -0.90 -1.97
N1 GSH D . -3.12 0.50 -13.18
CA1 GSH D . -2.93 1.30 -11.99
C1 GSH D . -3.28 2.75 -12.27
O11 GSH D . -3.46 3.63 -11.41
O12 GSH D . -3.22 3.13 -13.46
CB1 GSH D . -3.40 0.54 -10.76
CG1 GSH D . -3.84 1.34 -9.54
CD1 GSH D . -4.21 0.29 -8.49
OE1 GSH D . -4.34 -1.04 -8.86
N2 GSH D . -4.47 0.66 -7.26
CA2 GSH D . -4.96 -0.31 -6.28
C2 GSH D . -6.02 0.33 -5.39
O2 GSH D . -6.01 1.70 -5.32
CB2 GSH D . -3.78 -0.89 -5.48
SG2 GSH D . -2.81 0.41 -4.69
N3 GSH D . -6.90 -0.41 -4.68
CA3 GSH D . -7.91 0.20 -3.84
C3 GSH D . -7.47 0.40 -2.43
O31 GSH D . -8.15 1.12 -1.68
O32 GSH D . -6.46 -0.18 -1.98
NA NA E . 6.51 3.19 -3.29
N1 GSH F . 0.65 -11.15 -6.57
CA1 GSH F . 0.59 -10.79 -5.19
C1 GSH F . 1.26 -11.80 -4.32
O11 GSH F . 1.81 -11.49 -3.26
O12 GSH F . 1.12 -13.01 -4.66
CB1 GSH F . 0.73 -9.32 -4.85
CG1 GSH F . 1.69 -8.72 -3.85
CD1 GSH F . 2.29 -7.51 -4.55
OE1 GSH F . 2.22 -7.43 -5.93
N2 GSH F . 2.87 -6.54 -3.86
CA2 GSH F . 3.41 -5.35 -4.48
C2 GSH F . 4.65 -4.95 -3.75
O2 GSH F . 4.87 -5.34 -2.44
CB2 GSH F . 2.36 -4.23 -4.33
SG2 GSH F . 1.74 -4.03 -2.63
N3 GSH F . 5.56 -4.19 -4.31
CA3 GSH F . 6.73 -3.83 -3.53
C3 GSH F . 6.49 -2.67 -2.59
O31 GSH F . 7.27 -2.43 -1.66
O32 GSH F . 5.49 -1.93 -2.68
#